data_4XFA
#
_entry.id   4XFA
#
_cell.length_a   57.600
_cell.length_b   57.600
_cell.length_c   122.400
_cell.angle_alpha   90.00
_cell.angle_beta   90.00
_cell.angle_gamma   90.00
#
_symmetry.space_group_name_H-M   'P 43 21 2'
#
loop_
_entity.id
_entity.type
_entity.pdbx_description
1 polymer 'Cysteine dioxygenase type 1'
2 non-polymer 'FE (III) ION'
3 non-polymer '2-AMINO-4-MERCAPTO-BUTYRIC ACID'
4 water water
#
_entity_poly.entity_id   1
_entity_poly.type   'polypeptide(L)'
_entity_poly.pdbx_seq_one_letter_code
;MERTELLKPRTLADLIRILHELFAGDEVNVEEVQAVLEAYESNPAEWALYAKFDQYRYTRNLVDQGNGKFNLMILCWGEG
HGSSIHDHTDSHCFLKLLQGNLKETLFDWPDKKSNEMIKKSERTLRENQCAYINDSIGLHRVENVSHTEPAVSLHLFSPP
FDTCHAFDQRTGHKNKVTMTFHSKFGIRTPFTTSGSLENN
;
_entity_poly.pdbx_strand_id   A
#
loop_
_chem_comp.id
_chem_comp.type
_chem_comp.name
_chem_comp.formula
FE non-polymer 'FE (III) ION' 'Fe 3'
#
# COMPACT_ATOMS: atom_id res chain seq x y z
N GLU A 5 -16.57 -14.19 11.71
CA GLU A 5 -15.59 -15.04 12.38
C GLU A 5 -14.28 -15.17 11.61
N LEU A 6 -13.24 -14.48 12.11
CA LEU A 6 -11.95 -14.33 11.43
C LEU A 6 -10.96 -15.46 11.70
N LEU A 7 -10.56 -16.18 10.66
CA LEU A 7 -9.56 -17.24 10.81
C LEU A 7 -8.24 -16.82 10.17
N LYS A 8 -7.15 -17.45 10.61
CA LYS A 8 -5.83 -17.15 10.08
C LYS A 8 -5.75 -17.61 8.63
N PRO A 9 -5.36 -16.70 7.73
CA PRO A 9 -5.12 -17.18 6.36
C PRO A 9 -3.91 -18.10 6.30
N ARG A 10 -4.10 -19.29 5.72
CA ARG A 10 -3.05 -20.31 5.66
C ARG A 10 -2.08 -20.01 4.52
N THR A 11 -2.58 -19.24 3.57
CA THR A 11 -1.85 -18.93 2.35
C THR A 11 -2.38 -17.63 1.78
N LEU A 12 -1.66 -17.10 0.80
CA LEU A 12 -2.13 -15.91 0.11
C LEU A 12 -3.49 -16.17 -0.54
N ALA A 13 -3.64 -17.32 -1.19
CA ALA A 13 -4.93 -17.66 -1.78
C ALA A 13 -6.07 -17.63 -0.76
N ASP A 14 -5.76 -18.14 0.42
CA ASP A 14 -6.74 -18.21 1.48
C ASP A 14 -7.11 -16.78 1.93
N LEU A 15 -6.10 -15.95 2.08
CA LEU A 15 -6.29 -14.55 2.41
C LEU A 15 -7.25 -13.89 1.43
N ILE A 16 -7.03 -14.11 0.15
CA ILE A 16 -7.92 -13.52 -0.84
C ILE A 16 -9.40 -13.95 -0.66
N ARG A 17 -9.63 -15.24 -0.42
CA ARG A 17 -11.00 -15.73 -0.20
C ARG A 17 -11.65 -15.05 1.00
N ILE A 18 -10.88 -14.95 2.07
CA ILE A 18 -11.36 -14.30 3.28
C ILE A 18 -11.71 -12.83 3.04
N LEU A 19 -10.91 -12.15 2.25
CA LEU A 19 -11.18 -10.77 1.88
C LEU A 19 -12.48 -10.64 1.09
N HIS A 20 -12.74 -11.56 0.16
CA HIS A 20 -14.06 -11.56 -0.48
C HIS A 20 -15.24 -11.72 0.49
N GLU A 21 -15.06 -12.48 1.55
CA GLU A 21 -16.12 -12.63 2.55
C GLU A 21 -16.33 -11.34 3.33
N LEU A 22 -15.21 -10.74 3.72
CA LEU A 22 -15.24 -9.55 4.56
C LEU A 22 -15.86 -8.38 3.84
N PHE A 23 -15.59 -8.32 2.54
CA PHE A 23 -16.12 -7.26 1.73
C PHE A 23 -17.42 -7.72 1.05
N ALA A 24 -18.01 -8.81 1.55
CA ALA A 24 -19.26 -9.30 0.99
C ALA A 24 -20.38 -8.30 1.21
N GLY A 25 -20.26 -7.50 2.26
CA GLY A 25 -21.27 -6.52 2.59
C GLY A 25 -20.83 -5.15 2.11
N ASP A 26 -21.62 -4.13 2.44
CA ASP A 26 -21.33 -2.76 2.03
C ASP A 26 -20.38 -2.05 2.96
N GLU A 27 -20.16 -2.60 4.15
CA GLU A 27 -19.33 -1.96 5.15
C GLU A 27 -18.05 -2.74 5.48
N VAL A 28 -16.97 -2.00 5.53
CA VAL A 28 -15.65 -2.50 5.89
C VAL A 28 -15.48 -2.44 7.40
N ASN A 29 -15.12 -3.56 8.01
CA ASN A 29 -14.59 -3.59 9.35
C ASN A 29 -13.05 -3.46 9.35
N VAL A 30 -12.55 -2.23 9.50
CA VAL A 30 -11.13 -1.99 9.28
C VAL A 30 -10.23 -2.83 10.19
N GLU A 31 -10.59 -2.96 11.47
CA GLU A 31 -9.70 -3.66 12.38
C GLU A 31 -9.68 -5.14 12.03
N GLU A 32 -10.80 -5.66 11.54
CA GLU A 32 -10.84 -7.06 11.14
C GLU A 32 -10.01 -7.32 9.91
N VAL A 33 -10.13 -6.46 8.91
CA VAL A 33 -9.33 -6.58 7.72
C VAL A 33 -7.84 -6.48 8.05
N GLN A 34 -7.49 -5.50 8.88
CA GLN A 34 -6.10 -5.35 9.28
C GLN A 34 -5.59 -6.58 10.04
N ALA A 35 -6.44 -7.14 10.90
CA ALA A 35 -6.08 -8.33 11.66
C ALA A 35 -5.80 -9.54 10.77
N VAL A 36 -6.61 -9.75 9.74
CA VAL A 36 -6.43 -10.92 8.89
CA VAL A 36 -6.45 -10.91 8.88
C VAL A 36 -5.23 -10.68 7.98
N LEU A 37 -5.06 -9.45 7.51
CA LEU A 37 -3.89 -9.16 6.68
C LEU A 37 -2.63 -9.48 7.48
N GLU A 38 -2.59 -9.05 8.73
CA GLU A 38 -1.43 -9.25 9.61
C GLU A 38 -1.22 -10.72 9.90
N ALA A 39 -2.31 -11.46 10.00
CA ALA A 39 -2.23 -12.84 10.43
C ALA A 39 -1.60 -13.71 9.32
N TYR A 40 -1.66 -13.25 8.10
CA TYR A 40 -1.04 -13.99 7.01
C TYR A 40 0.48 -13.90 7.13
N GLU A 41 1.15 -15.04 7.24
CA GLU A 41 2.61 -15.04 7.33
CA GLU A 41 2.61 -15.08 7.32
C GLU A 41 3.19 -15.11 5.92
N SER A 42 3.91 -14.05 5.56
CA SER A 42 4.48 -13.92 4.23
C SER A 42 5.27 -15.17 3.81
N ASN A 43 4.87 -15.76 2.69
CA ASN A 43 5.56 -16.92 2.17
C ASN A 43 6.06 -16.53 0.78
N PRO A 44 7.37 -16.24 0.63
CA PRO A 44 7.85 -15.72 -0.66
C PRO A 44 7.46 -16.57 -1.88
N ALA A 45 7.35 -17.90 -1.73
CA ALA A 45 6.98 -18.70 -2.91
C ALA A 45 5.58 -18.42 -3.42
N GLU A 46 4.70 -17.97 -2.53
CA GLU A 46 3.30 -17.75 -2.84
C GLU A 46 3.09 -16.51 -3.63
N TRP A 47 4.02 -15.56 -3.51
CA TRP A 47 3.84 -14.28 -4.15
C TRP A 47 4.99 -13.90 -5.09
N ALA A 48 5.96 -14.79 -5.25
CA ALA A 48 7.08 -14.54 -6.17
C ALA A 48 6.60 -14.12 -7.56
N LEU A 49 5.49 -14.73 -8.01
CA LEU A 49 4.91 -14.41 -9.31
C LEU A 49 4.61 -12.93 -9.49
N TYR A 50 4.21 -12.29 -8.39
CA TYR A 50 3.79 -10.90 -8.44
C TYR A 50 4.95 -9.95 -8.15
N ALA A 51 6.07 -10.48 -7.69
CA ALA A 51 7.14 -9.63 -7.16
C ALA A 51 8.10 -9.21 -8.24
N LYS A 52 7.61 -8.34 -9.10
CA LYS A 52 8.36 -7.95 -10.29
C LYS A 52 8.95 -6.57 -10.05
N PHE A 53 10.26 -6.49 -10.01
CA PHE A 53 10.98 -5.25 -9.71
C PHE A 53 11.38 -4.49 -10.96
N ASP A 54 11.60 -3.20 -10.75
CA ASP A 54 12.18 -2.30 -11.74
C ASP A 54 13.43 -1.66 -11.12
N GLN A 55 14.44 -1.41 -11.94
CA GLN A 55 15.73 -0.94 -11.42
C GLN A 55 15.59 0.44 -10.82
N TYR A 56 14.67 1.24 -11.35
CA TYR A 56 14.69 2.67 -11.04
C TYR A 56 13.61 3.15 -10.09
N ARG A 57 12.50 2.44 -9.98
CA ARG A 57 11.44 2.82 -9.08
C ARG A 57 10.60 1.66 -8.64
N TYR A 58 9.76 1.89 -7.66
CA TYR A 58 8.87 0.84 -7.19
C TYR A 58 7.75 0.52 -8.18
N THR A 59 7.31 -0.73 -8.13
CA THR A 59 6.32 -1.26 -9.08
C THR A 59 5.04 -1.68 -8.36
N ARG A 60 3.91 -1.58 -9.07
CA ARG A 60 2.59 -2.01 -8.60
C ARG A 60 2.07 -3.21 -9.40
N ASN A 61 1.83 -4.30 -8.71
CA ASN A 61 1.51 -5.58 -9.31
C ASN A 61 0.16 -6.08 -8.80
N LEU A 62 -0.87 -6.04 -9.66
CA LEU A 62 -2.24 -6.43 -9.23
C LEU A 62 -2.32 -7.92 -8.98
N VAL A 63 -2.95 -8.27 -7.87
CA VAL A 63 -3.06 -9.65 -7.44
C VAL A 63 -4.49 -10.15 -7.58
N ASP A 64 -5.42 -9.32 -7.12
CA ASP A 64 -6.83 -9.69 -7.14
C ASP A 64 -7.69 -8.47 -7.37
N GLN A 65 -8.72 -8.63 -8.22
CA GLN A 65 -9.56 -7.49 -8.57
C GLN A 65 -10.69 -7.27 -7.61
N GLY A 66 -10.83 -8.14 -6.62
CA GLY A 66 -11.88 -7.99 -5.66
C GLY A 66 -13.26 -8.31 -6.23
N ASN A 67 -14.27 -7.79 -5.53
CA ASN A 67 -15.65 -8.14 -5.86
C ASN A 67 -16.41 -6.88 -6.26
N GLY A 68 -15.65 -5.88 -6.73
CA GLY A 68 -16.18 -4.56 -7.01
C GLY A 68 -15.92 -3.58 -5.88
N LYS A 69 -15.64 -4.09 -4.69
CA LYS A 69 -15.56 -3.23 -3.51
C LYS A 69 -14.11 -3.03 -3.05
N PHE A 70 -13.16 -3.75 -3.63
CA PHE A 70 -11.74 -3.61 -3.23
C PHE A 70 -10.81 -4.18 -4.26
N ASN A 71 -9.53 -3.83 -4.22
CA ASN A 71 -8.56 -4.72 -4.86
C ASN A 71 -7.27 -4.85 -4.07
N LEU A 72 -6.43 -5.73 -4.56
CA LEU A 72 -5.29 -6.22 -3.82
C LEU A 72 -4.08 -6.26 -4.74
N MET A 73 -2.95 -5.67 -4.31
CA MET A 73 -1.77 -5.59 -5.16
C MET A 73 -0.50 -5.73 -4.37
N ILE A 74 0.61 -6.03 -5.07
CA ILE A 74 1.92 -6.17 -4.43
C ILE A 74 2.85 -5.11 -4.98
N LEU A 75 3.50 -4.37 -4.09
CA LEU A 75 4.44 -3.36 -4.52
C LEU A 75 5.91 -3.78 -4.21
N CYS A 76 6.83 -3.52 -5.14
CA CYS A 76 8.22 -3.98 -5.05
C CYS A 76 9.17 -2.80 -5.10
N TRP A 77 9.98 -2.67 -4.04
CA TRP A 77 10.80 -1.48 -3.80
C TRP A 77 12.29 -1.84 -3.81
N GLY A 78 13.00 -1.42 -4.85
CA GLY A 78 14.45 -1.56 -4.83
C GLY A 78 15.07 -0.78 -3.69
N GLU A 79 16.36 -1.04 -3.45
CA GLU A 79 17.13 -0.26 -2.48
C GLU A 79 17.01 1.23 -2.82
N GLY A 80 16.56 2.01 -1.85
CA GLY A 80 16.49 3.45 -2.04
C GLY A 80 15.23 3.95 -2.73
N HIS A 81 14.36 3.03 -3.16
CA HIS A 81 13.10 3.42 -3.78
C HIS A 81 12.04 3.85 -2.80
N GLY A 82 11.33 4.89 -3.17
CA GLY A 82 10.23 5.35 -2.35
C GLY A 82 9.13 6.01 -3.15
N SER A 83 8.05 6.34 -2.46
CA SER A 83 6.92 7.03 -3.03
C SER A 83 6.99 8.55 -2.78
N SER A 84 6.05 9.24 -3.41
CA SER A 84 5.73 10.59 -3.05
C SER A 84 4.99 10.60 -1.73
N ILE A 85 4.89 11.77 -1.13
CA ILE A 85 3.86 12.00 -0.12
C ILE A 85 2.51 11.97 -0.85
N HIS A 86 1.54 11.18 -0.38
CA HIS A 86 0.29 11.00 -1.14
C HIS A 86 -0.93 10.69 -0.26
N ASP A 87 -2.12 10.92 -0.86
CA ASP A 87 -3.41 10.53 -0.29
C ASP A 87 -3.91 9.22 -0.86
N HIS A 88 -5.17 8.86 -0.54
CA HIS A 88 -5.76 7.59 -0.98
C HIS A 88 -7.22 7.72 -1.47
N THR A 89 -7.55 8.91 -1.98
CA THR A 89 -8.71 9.10 -2.84
C THR A 89 -10.01 8.62 -2.19
N ASP A 90 -10.19 9.07 -0.95
CA ASP A 90 -11.35 8.74 -0.14
C ASP A 90 -11.60 7.23 -0.04
N SER A 91 -10.51 6.44 -0.08
CA SER A 91 -10.54 4.99 0.06
C SER A 91 -9.69 4.48 1.21
N HIS A 92 -10.01 3.29 1.70
CA HIS A 92 -9.18 2.61 2.68
C HIS A 92 -7.87 2.13 2.06
N CYS A 93 -6.75 2.26 2.77
CA CYS A 93 -5.46 1.67 2.35
C CYS A 93 -4.88 0.82 3.46
N PHE A 94 -4.64 -0.45 3.17
CA PHE A 94 -3.99 -1.35 4.08
C PHE A 94 -2.66 -1.74 3.43
N LEU A 95 -1.57 -1.77 4.20
CA LEU A 95 -0.25 -2.10 3.65
C LEU A 95 0.43 -3.14 4.55
N LYS A 96 0.82 -4.28 3.99
CA LYS A 96 1.51 -5.27 4.81
C LYS A 96 2.88 -5.61 4.22
N LEU A 97 3.91 -5.65 5.06
CA LEU A 97 5.25 -6.00 4.58
C LEU A 97 5.34 -7.50 4.32
N LEU A 98 5.83 -7.85 3.14
CA LEU A 98 6.08 -9.25 2.78
C LEU A 98 7.57 -9.59 2.78
N GLN A 99 8.40 -8.58 2.57
CA GLN A 99 9.86 -8.72 2.57
C GLN A 99 10.56 -7.38 2.83
N GLY A 100 11.63 -7.42 3.62
CA GLY A 100 12.40 -6.22 3.90
C GLY A 100 11.69 -5.28 4.85
N ASN A 101 12.07 -4.01 4.77
CA ASN A 101 11.54 -2.98 5.65
C ASN A 101 11.20 -1.76 4.82
N LEU A 102 10.14 -1.07 5.23
CA LEU A 102 9.76 0.21 4.66
C LEU A 102 9.63 1.25 5.75
N LYS A 103 10.07 2.45 5.43
CA LYS A 103 9.90 3.57 6.34
C LYS A 103 8.61 4.28 5.90
N GLU A 104 7.69 4.52 6.85
CA GLU A 104 6.44 5.23 6.55
C GLU A 104 6.55 6.55 7.28
N THR A 105 6.38 7.66 6.55
CA THR A 105 6.41 8.96 7.17
C THR A 105 5.02 9.57 6.99
N LEU A 106 4.42 9.96 8.13
CA LEU A 106 3.09 10.58 8.15
C LEU A 106 3.17 12.08 8.04
N PHE A 107 2.25 12.63 7.23
CA PHE A 107 2.09 14.06 7.11
C PHE A 107 0.62 14.45 7.28
N ASP A 108 0.39 15.66 7.79
CA ASP A 108 -0.96 16.19 7.84
C ASP A 108 -1.35 16.74 6.49
N TRP A 109 -2.66 16.84 6.24
CA TRP A 109 -3.12 17.59 5.08
C TRP A 109 -2.60 19.03 5.16
N PRO A 110 -2.11 19.56 4.05
CA PRO A 110 -1.54 20.90 4.16
C PRO A 110 -2.61 21.97 4.23
N ASP A 111 -2.27 23.08 4.85
CA ASP A 111 -3.11 24.27 4.79
C ASP A 111 -3.01 24.86 3.40
N LYS A 112 -3.87 25.83 3.12
CA LYS A 112 -3.88 26.49 1.82
C LYS A 112 -2.51 27.13 1.56
N LYS A 113 -2.00 27.82 2.57
CA LYS A 113 -0.72 28.51 2.51
C LYS A 113 0.40 27.57 2.09
N SER A 114 1.31 28.04 1.23
CA SER A 114 2.47 27.25 0.84
C SER A 114 3.45 27.19 2.00
N ASN A 115 3.78 25.99 2.43
CA ASN A 115 4.64 25.79 3.58
C ASN A 115 5.30 24.45 3.48
N GLU A 116 6.51 24.34 4.04
CA GLU A 116 7.13 23.04 4.27
C GLU A 116 6.12 22.11 4.94
N MET A 117 5.98 20.93 4.37
CA MET A 117 5.23 19.87 5.03
C MET A 117 6.16 19.22 6.04
N ILE A 118 5.85 19.34 7.32
CA ILE A 118 6.71 18.74 8.34
C ILE A 118 6.19 17.38 8.77
N LYS A 119 7.10 16.42 8.81
CA LYS A 119 6.80 15.05 9.24
C LYS A 119 6.07 15.10 10.58
N LYS A 120 4.93 14.45 10.64
CA LYS A 120 4.20 14.27 11.88
C LYS A 120 4.83 13.13 12.70
N SER A 121 5.23 12.06 12.01
CA SER A 121 5.95 10.98 12.66
C SER A 121 6.48 10.06 11.60
N GLU A 122 7.30 9.10 12.02
CA GLU A 122 7.79 8.10 11.10
C GLU A 122 7.98 6.80 11.82
N ARG A 123 7.87 5.72 11.08
CA ARG A 123 8.09 4.43 11.67
C ARG A 123 8.61 3.49 10.63
N THR A 124 9.21 2.43 11.14
CA THR A 124 9.79 1.39 10.32
C THR A 124 8.86 0.18 10.34
N LEU A 125 8.31 -0.13 9.17
CA LEU A 125 7.45 -1.30 9.06
C LEU A 125 8.36 -2.47 8.70
N ARG A 126 8.23 -3.55 9.48
CA ARG A 126 9.08 -4.71 9.34
C ARG A 126 8.26 -5.86 8.76
N GLU A 127 8.93 -6.92 8.36
CA GLU A 127 8.29 -8.11 7.77
CA GLU A 127 8.25 -8.05 7.73
C GLU A 127 7.01 -8.49 8.53
N ASN A 128 5.93 -8.67 7.76
CA ASN A 128 4.60 -9.12 8.18
C ASN A 128 3.71 -8.10 8.90
N GLN A 129 4.27 -6.98 9.29
CA GLN A 129 3.46 -5.92 9.89
C GLN A 129 2.46 -5.32 8.89
N CYS A 130 1.24 -4.97 9.35
CA CYS A 130 0.22 -4.31 8.50
C CYS A 130 -0.17 -2.95 9.07
N ALA A 131 0.08 -1.93 8.26
CA ALA A 131 -0.31 -0.56 8.55
C ALA A 131 -1.61 -0.18 7.82
N TYR A 132 -2.33 0.83 8.34
CA TYR A 132 -3.57 1.31 7.75
C TYR A 132 -3.54 2.81 7.65
N ILE A 133 -4.09 3.32 6.57
CA ILE A 133 -4.32 4.74 6.48
C ILE A 133 -5.57 5.06 5.65
N ASN A 134 -6.15 6.22 5.92
CA ASN A 134 -7.20 6.74 5.06
C ASN A 134 -7.06 8.24 5.13
N ASP A 135 -7.82 8.95 4.31
CA ASP A 135 -7.62 10.39 4.18
C ASP A 135 -7.97 11.13 5.47
N SER A 136 -8.84 10.57 6.29
CA SER A 136 -9.21 11.18 7.54
CA SER A 136 -9.21 11.23 7.52
C SER A 136 -8.05 11.16 8.52
N ILE A 137 -7.14 10.22 8.33
CA ILE A 137 -5.96 10.07 9.17
C ILE A 137 -4.87 11.03 8.71
N GLY A 138 -4.61 11.06 7.42
CA GLY A 138 -3.65 12.00 6.86
C GLY A 138 -3.06 11.43 5.60
N LEU A 139 -1.86 11.93 5.27
CA LEU A 139 -1.09 11.57 4.13
C LEU A 139 0.11 10.75 4.55
N HIS A 140 0.73 10.03 3.63
CA HIS A 140 2.01 9.41 3.97
C HIS A 140 2.94 9.24 2.79
N ARG A 141 4.20 9.02 3.16
CA ARG A 141 5.23 8.60 2.23
CA ARG A 141 5.26 8.64 2.25
C ARG A 141 5.72 7.23 2.67
N VAL A 142 6.05 6.40 1.72
CA VAL A 142 6.55 5.06 2.01
C VAL A 142 7.87 4.93 1.26
N GLU A 143 8.92 4.48 1.94
CA GLU A 143 10.27 4.44 1.33
C GLU A 143 11.05 3.20 1.74
N ASN A 144 11.75 2.58 0.79
CA ASN A 144 12.76 1.59 1.16
C ASN A 144 14.11 2.29 1.30
N VAL A 145 14.52 2.61 2.53
CA VAL A 145 15.78 3.32 2.77
C VAL A 145 17.00 2.40 2.90
N SER A 146 16.76 1.10 2.79
CA SER A 146 17.87 0.16 2.79
C SER A 146 18.84 0.39 1.62
N HIS A 147 20.14 0.19 1.89
CA HIS A 147 21.18 0.19 0.87
C HIS A 147 21.48 -1.21 0.36
N THR A 148 20.88 -2.21 0.99
CA THR A 148 21.31 -3.60 0.75
C THR A 148 20.17 -4.59 0.52
N GLU A 149 18.96 -4.22 0.89
CA GLU A 149 17.79 -5.13 0.83
C GLU A 149 16.59 -4.56 0.10
N PRO A 150 16.16 -5.23 -0.96
CA PRO A 150 14.88 -4.86 -1.54
C PRO A 150 13.72 -5.16 -0.61
N ALA A 151 12.59 -4.45 -0.79
CA ALA A 151 11.38 -4.63 -0.02
C ALA A 151 10.17 -4.97 -0.89
N VAL A 152 9.23 -5.71 -0.31
CA VAL A 152 8.01 -6.12 -1.00
C VAL A 152 6.84 -5.93 -0.06
N SER A 153 5.77 -5.26 -0.52
CA SER A 153 4.59 -5.06 0.32
C SER A 153 3.26 -5.43 -0.36
N LEU A 154 2.29 -5.78 0.46
CA LEU A 154 0.95 -6.16 0.02
C LEU A 154 -0.05 -5.03 0.37
N HIS A 155 -0.72 -4.47 -0.64
CA HIS A 155 -1.64 -3.36 -0.44
C HIS A 155 -3.11 -3.72 -0.81
N LEU A 156 -4.06 -3.33 0.06
CA LEU A 156 -5.49 -3.54 -0.17
C LEU A 156 -6.13 -2.18 -0.12
N PHE A 157 -6.83 -1.85 -1.19
CA PHE A 157 -7.50 -0.58 -1.33
C PHE A 157 -9.00 -0.79 -1.51
N SER A 158 -9.81 0.01 -0.83
CA SER A 158 -11.27 -0.12 -0.92
C SER A 158 -12.02 1.21 -0.74
N PRO A 159 -12.83 1.61 -1.73
CA PRO A 159 -12.98 1.03 -3.05
C PRO A 159 -11.66 1.13 -3.82
N PRO A 160 -11.57 0.42 -4.95
CA PRO A 160 -10.39 0.58 -5.78
C PRO A 160 -10.30 2.01 -6.25
N PHE A 161 -9.08 2.49 -6.49
CA PHE A 161 -8.87 3.78 -7.10
C PHE A 161 -7.58 3.75 -7.91
N ASP A 162 -7.58 4.49 -9.01
CA ASP A 162 -6.42 4.52 -9.88
C ASP A 162 -5.82 5.91 -10.01
N THR A 163 -6.33 6.86 -9.25
CA THR A 163 -5.74 8.19 -9.20
C THR A 163 -5.55 8.61 -7.78
N CYS A 164 -4.59 9.48 -7.59
CA CYS A 164 -4.37 10.08 -6.28
C CYS A 164 -3.56 11.35 -6.45
N HIS A 165 -3.22 12.00 -5.35
CA HIS A 165 -2.38 13.19 -5.41
C HIS A 165 -1.02 12.93 -4.78
N ALA A 166 -0.01 13.55 -5.35
CA ALA A 166 1.34 13.64 -4.78
C ALA A 166 1.53 15.02 -4.27
N PHE A 167 2.16 15.13 -3.10
CA PHE A 167 2.36 16.42 -2.45
C PHE A 167 3.85 16.79 -2.41
N ASP A 168 4.12 18.05 -2.75
CA ASP A 168 5.47 18.58 -2.73
C ASP A 168 5.84 18.98 -1.30
N GLN A 169 6.82 18.28 -0.73
CA GLN A 169 7.19 18.48 0.68
C GLN A 169 7.62 19.93 1.00
N ARG A 170 8.07 20.66 -0.01
CA ARG A 170 8.48 22.04 0.20
C ARG A 170 7.33 23.01 0.34
N THR A 171 6.19 22.69 -0.27
CA THR A 171 5.09 23.64 -0.42
C THR A 171 3.72 23.16 0.02
N GLY A 172 3.51 21.86 0.03
CA GLY A 172 2.20 21.30 0.30
C GLY A 172 1.34 21.24 -0.94
N HIS A 173 1.86 21.70 -2.08
CA HIS A 173 1.09 21.73 -3.32
CA HIS A 173 1.08 21.74 -3.31
C HIS A 173 0.88 20.31 -3.84
N LYS A 174 -0.34 20.03 -4.30
CA LYS A 174 -0.65 18.68 -4.78
C LYS A 174 -0.80 18.64 -6.28
N ASN A 175 -0.49 17.48 -6.82
CA ASN A 175 -0.66 17.20 -8.23
CA ASN A 175 -0.70 17.22 -8.23
C ASN A 175 -1.31 15.85 -8.41
N LYS A 176 -2.30 15.78 -9.28
CA LYS A 176 -3.02 14.54 -9.48
C LYS A 176 -2.15 13.63 -10.34
N VAL A 177 -2.07 12.38 -9.91
CA VAL A 177 -1.30 11.32 -10.55
CA VAL A 177 -1.32 11.37 -10.64
C VAL A 177 -2.23 10.19 -10.92
N THR A 178 -2.02 9.59 -12.08
CA THR A 178 -2.71 8.34 -12.40
C THR A 178 -1.69 7.23 -12.23
N MET A 179 -2.07 6.23 -11.45
N MET A 179 -2.04 6.26 -11.41
CA MET A 179 -1.19 5.11 -11.18
CA MET A 179 -1.16 5.13 -11.18
C MET A 179 -1.41 4.00 -12.18
C MET A 179 -1.36 4.10 -12.28
N THR A 180 -0.31 3.30 -12.49
CA THR A 180 -0.33 2.25 -13.48
C THR A 180 0.06 0.96 -12.81
N PHE A 181 -0.33 -0.14 -13.43
CA PHE A 181 0.05 -1.47 -13.01
C PHE A 181 1.22 -1.97 -13.84
N HIS A 182 2.30 -2.34 -13.16
CA HIS A 182 3.48 -2.98 -13.75
C HIS A 182 3.11 -4.37 -14.27
N SER A 183 2.22 -5.03 -13.54
CA SER A 183 1.73 -6.34 -13.92
C SER A 183 0.33 -6.57 -13.36
N LYS A 184 -0.38 -7.52 -13.96
CA LYS A 184 -1.67 -7.96 -13.44
C LYS A 184 -1.71 -9.48 -13.48
N PHE A 185 -2.02 -10.05 -12.32
CA PHE A 185 -2.13 -11.49 -12.16
C PHE A 185 -0.87 -12.19 -12.66
N GLY A 186 0.27 -11.55 -12.43
CA GLY A 186 1.55 -12.14 -12.73
C GLY A 186 2.10 -11.84 -14.10
N ILE A 187 1.30 -11.14 -14.90
CA ILE A 187 1.63 -10.86 -16.30
C ILE A 187 2.09 -9.41 -16.44
N ARG A 188 3.28 -9.20 -16.97
CA ARG A 188 3.81 -7.85 -17.17
C ARG A 188 2.86 -7.11 -18.13
N THR A 189 2.51 -5.88 -17.79
CA THR A 189 1.53 -5.11 -18.56
C THR A 189 2.15 -3.77 -18.86
N PRO A 190 2.99 -3.71 -19.91
CA PRO A 190 3.64 -2.47 -20.37
C PRO A 190 2.67 -1.30 -20.53
FE FE B . -0.14 5.05 0.47
N HCS C . -1.14 4.02 -2.90
CA HCS C . 0.12 4.17 -3.56
CB HCS C . 1.36 3.98 -2.67
CG HCS C . 1.31 2.88 -1.66
SD HCS C . 0.10 3.04 -0.33
C HCS C . 0.09 3.19 -4.72
OXT HCS C . -0.85 2.48 -5.05
O HCS C . 1.25 3.12 -5.41
#